data_4J2N
#
_entry.id   4J2N
#
_cell.length_a   89.423
_cell.length_b   129.985
_cell.length_c   92.346
_cell.angle_alpha   90.000
_cell.angle_beta   90.000
_cell.angle_gamma   90.000
#
_symmetry.space_group_name_H-M   'C 2 2 21'
#
loop_
_entity.id
_entity.type
_entity.pdbx_description
1 polymer Gp37
2 non-polymer 'SULFATE ION'
3 water water
#
_entity_poly.entity_id   1
_entity_poly.type   'polypeptide(L)'
_entity_poly.pdbx_seq_one_letter_code
;AMMPPRASIQQTADYLGVSTKTVRNYIAAGKLKAVRLGPRLIRVERDSVEALMRPIGK
;
_entity_poly.pdbx_strand_id   A,B,D,C,E
#
# COMPACT_ATOMS: atom_id res chain seq x y z
N MET A 3 -17.63 10.42 14.99
CA MET A 3 -17.04 11.09 16.15
C MET A 3 -17.80 12.38 16.47
N PRO A 4 -18.83 12.29 17.34
CA PRO A 4 -19.65 13.44 17.76
C PRO A 4 -18.88 14.30 18.76
N PRO A 5 -19.39 15.51 19.06
CA PRO A 5 -18.62 16.39 19.95
C PRO A 5 -18.54 15.78 21.34
N ARG A 6 -19.53 14.98 21.65
CA ARG A 6 -19.53 14.21 22.87
C ARG A 6 -19.52 12.74 22.43
N ALA A 7 -18.39 12.05 22.64
CA ALA A 7 -18.21 10.67 22.15
C ALA A 7 -17.98 9.63 23.25
N SER A 8 -18.36 8.39 22.99
CA SER A 8 -18.18 7.33 23.98
C SER A 8 -16.72 7.00 24.14
N ILE A 9 -16.40 6.33 25.23
CA ILE A 9 -15.03 5.88 25.45
C ILE A 9 -14.65 4.96 24.32
N GLN A 10 -15.62 4.20 23.82
CA GLN A 10 -15.31 3.27 22.75
C GLN A 10 -15.03 3.96 21.44
N GLN A 11 -15.86 4.94 21.08
CA GLN A 11 -15.65 5.69 19.86
C GLN A 11 -14.31 6.41 19.92
N THR A 12 -13.91 6.80 21.13
CA THR A 12 -12.67 7.52 21.35
C THR A 12 -11.49 6.58 21.17
N ALA A 13 -11.61 5.39 21.75
CA ALA A 13 -10.56 4.39 21.66
C ALA A 13 -10.31 4.03 20.20
N ASP A 14 -11.39 3.84 19.43
CA ASP A 14 -11.25 3.52 18.02
C ASP A 14 -10.60 4.65 17.22
N TYR A 15 -11.05 5.88 17.48
CA TYR A 15 -10.57 7.07 16.80
C TYR A 15 -9.06 7.22 16.98
N LEU A 16 -8.61 7.00 18.21
CA LEU A 16 -7.21 7.10 18.58
C LEU A 16 -6.41 5.86 18.24
N GLY A 17 -7.08 4.76 18.00
CA GLY A 17 -6.38 3.51 17.76
C GLY A 17 -5.71 2.98 19.01
N VAL A 18 -6.33 3.20 20.17
CA VAL A 18 -5.84 2.62 21.42
C VAL A 18 -6.97 1.85 22.11
N SER A 19 -6.64 1.19 23.21
CA SER A 19 -7.60 0.41 23.99
C SER A 19 -8.51 1.32 24.82
N THR A 20 -9.67 0.80 25.23
CA THR A 20 -10.55 1.57 26.11
C THR A 20 -9.86 1.82 27.44
N LYS A 21 -9.03 0.88 27.88
CA LYS A 21 -8.31 1.04 29.14
C LYS A 21 -7.39 2.26 29.09
N THR A 22 -6.73 2.45 27.96
CA THR A 22 -5.88 3.62 27.75
C THR A 22 -6.72 4.90 27.80
N VAL A 23 -7.86 4.90 27.10
CA VAL A 23 -8.74 6.05 27.07
C VAL A 23 -9.17 6.41 28.50
N ARG A 24 -9.54 5.40 29.28
CA ARG A 24 -9.92 5.63 30.67
C ARG A 24 -8.77 6.18 31.50
N ASN A 25 -7.55 5.70 31.23
N ASN A 25 -7.55 5.68 31.25
CA ASN A 25 -6.38 6.18 31.96
CA ASN A 25 -6.37 6.22 31.95
C ASN A 25 -6.07 7.64 31.65
C ASN A 25 -6.20 7.69 31.66
N TYR A 26 -6.14 8.01 30.37
CA TYR A 26 -6.01 9.39 29.95
C TYR A 26 -7.04 10.27 30.64
N ILE A 27 -8.30 9.85 30.62
CA ILE A 27 -9.34 10.60 31.29
C ILE A 27 -8.97 10.83 32.75
N ALA A 28 -8.58 9.76 33.44
CA ALA A 28 -8.13 9.86 34.83
C ALA A 28 -6.92 10.77 35.02
N ALA A 29 -6.06 10.82 34.01
CA ALA A 29 -4.85 11.64 34.11
C ALA A 29 -5.11 13.11 33.80
N GLY A 30 -6.26 13.39 33.18
CA GLY A 30 -6.58 14.75 32.79
C GLY A 30 -6.12 15.02 31.37
N LYS A 31 -5.56 14.01 30.72
CA LYS A 31 -5.10 14.13 29.35
C LYS A 31 -6.30 14.08 28.41
N LEU A 32 -7.45 13.69 28.95
CA LEU A 32 -8.70 13.81 28.20
C LEU A 32 -9.74 14.44 29.09
N LYS A 33 -10.62 15.23 28.48
CA LYS A 33 -11.74 15.82 29.20
C LYS A 33 -13.01 15.03 28.98
N ALA A 34 -13.71 14.73 30.06
CA ALA A 34 -14.87 13.86 30.00
C ALA A 34 -16.04 14.45 30.77
N VAL A 35 -17.24 14.03 30.41
CA VAL A 35 -18.43 14.43 31.14
C VAL A 35 -19.28 13.21 31.49
N ARG A 36 -20.09 13.40 32.53
CA ARG A 36 -21.01 12.37 32.98
C ARG A 36 -22.42 12.87 32.72
N LEU A 37 -23.26 12.03 32.13
CA LEU A 37 -24.63 12.40 31.80
C LEU A 37 -25.61 11.85 32.85
N GLY A 38 -25.41 10.59 33.24
CA GLY A 38 -26.22 9.97 34.28
C GLY A 38 -25.43 9.06 35.21
N PRO A 39 -26.09 8.05 35.79
CA PRO A 39 -25.40 7.13 36.71
C PRO A 39 -24.24 6.43 36.01
N ARG A 40 -24.49 6.02 34.77
CA ARG A 40 -23.55 5.20 34.00
C ARG A 40 -22.78 5.99 32.93
N LEU A 41 -23.43 6.98 32.33
CA LEU A 41 -23.01 7.48 31.02
C LEU A 41 -21.86 8.48 31.01
N ILE A 42 -20.78 8.11 30.33
CA ILE A 42 -19.62 8.99 30.16
C ILE A 42 -19.45 9.36 28.70
N ARG A 43 -19.03 10.59 28.47
CA ARG A 43 -18.78 11.06 27.12
C ARG A 43 -17.51 11.88 27.14
N VAL A 44 -16.66 11.64 26.16
CA VAL A 44 -15.42 12.38 26.06
C VAL A 44 -15.58 13.60 25.15
N GLU A 45 -15.02 14.72 25.56
CA GLU A 45 -15.07 15.94 24.76
C GLU A 45 -14.16 15.84 23.55
N ARG A 46 -14.78 15.80 22.37
CA ARG A 46 -14.04 15.70 21.11
C ARG A 46 -12.91 16.72 21.04
N ASP A 47 -13.16 17.92 21.55
CA ASP A 47 -12.14 18.95 21.54
C ASP A 47 -10.87 18.49 22.22
N SER A 48 -11.01 17.82 23.36
CA SER A 48 -9.84 17.34 24.09
C SER A 48 -9.14 16.24 23.32
N VAL A 49 -9.90 15.53 22.49
CA VAL A 49 -9.33 14.42 21.72
C VAL A 49 -8.49 14.94 20.57
N GLU A 50 -8.96 16.00 19.93
CA GLU A 50 -8.20 16.68 18.89
C GLU A 50 -6.90 17.22 19.46
N ALA A 51 -6.97 17.81 20.66
CA ALA A 51 -5.79 18.42 21.26
C ALA A 51 -4.75 17.39 21.69
N LEU A 52 -5.20 16.16 21.94
CA LEU A 52 -4.30 15.11 22.39
C LEU A 52 -3.30 14.73 21.32
N MET A 53 -3.71 14.85 20.07
CA MET A 53 -2.88 14.43 18.94
C MET A 53 -1.93 15.54 18.45
N ARG A 54 -0.80 15.67 19.14
CA ARG A 54 0.21 16.67 18.82
C ARG A 54 1.13 16.19 17.71
N PRO A 55 1.04 16.81 16.54
CA PRO A 55 1.83 16.38 15.37
C PRO A 55 3.33 16.26 15.66
N ILE A 56 3.99 15.34 14.98
CA ILE A 56 5.43 15.11 15.19
C ILE A 56 6.29 15.98 14.28
N MET B 3 0.80 -12.49 1.58
CA MET B 3 0.14 -11.40 0.88
C MET B 3 -0.56 -10.45 1.84
N PRO B 4 0.15 -9.41 2.26
CA PRO B 4 -0.48 -8.30 2.99
C PRO B 4 -1.21 -7.41 1.97
N PRO B 5 -2.02 -6.45 2.45
CA PRO B 5 -2.81 -5.62 1.53
C PRO B 5 -1.99 -5.04 0.35
N ARG B 6 -0.78 -4.53 0.63
CA ARG B 6 0.13 -4.07 -0.42
C ARG B 6 1.36 -4.98 -0.51
N ALA B 7 1.49 -5.73 -1.60
CA ALA B 7 2.50 -6.79 -1.67
C ALA B 7 3.66 -6.47 -2.61
N SER B 8 4.86 -6.89 -2.24
CA SER B 8 6.02 -6.69 -3.10
C SER B 8 5.78 -7.40 -4.41
N ILE B 9 6.49 -6.98 -5.44
CA ILE B 9 6.48 -7.70 -6.70
C ILE B 9 6.89 -9.15 -6.46
N GLN B 10 7.90 -9.35 -5.62
CA GLN B 10 8.41 -10.70 -5.36
C GLN B 10 7.31 -11.56 -4.73
N GLN B 11 6.66 -11.04 -3.69
CA GLN B 11 5.58 -11.77 -3.02
C GLN B 11 4.47 -12.16 -3.99
N THR B 12 4.14 -11.25 -4.90
CA THR B 12 3.07 -11.45 -5.87
C THR B 12 3.47 -12.53 -6.86
N ALA B 13 4.76 -12.56 -7.20
CA ALA B 13 5.32 -13.58 -8.07
C ALA B 13 5.24 -14.96 -7.43
N ASP B 14 5.67 -15.04 -6.17
CA ASP B 14 5.67 -16.30 -5.44
C ASP B 14 4.24 -16.78 -5.27
N TYR B 15 3.36 -15.88 -4.85
CA TYR B 15 1.95 -16.20 -4.69
C TYR B 15 1.33 -16.75 -5.97
N LEU B 16 1.56 -16.09 -7.09
CA LEU B 16 0.95 -16.47 -8.35
C LEU B 16 1.70 -17.60 -9.08
N GLY B 17 2.90 -17.91 -8.62
CA GLY B 17 3.72 -18.90 -9.30
C GLY B 17 4.26 -18.45 -10.65
N VAL B 18 4.56 -17.16 -10.80
CA VAL B 18 5.11 -16.65 -12.05
C VAL B 18 6.39 -15.90 -11.75
N SER B 19 7.08 -15.46 -12.80
CA SER B 19 8.31 -14.70 -12.60
C SER B 19 7.95 -13.26 -12.20
N THR B 20 8.91 -12.57 -11.57
CA THR B 20 8.73 -11.15 -11.25
C THR B 20 8.55 -10.34 -12.53
N LYS B 21 9.18 -10.79 -13.60
CA LYS B 21 9.00 -10.13 -14.89
C LYS B 21 7.53 -10.17 -15.29
N THR B 22 6.95 -11.37 -15.26
CA THR B 22 5.54 -11.53 -15.61
C THR B 22 4.64 -10.59 -14.82
N VAL B 23 4.95 -10.40 -13.55
CA VAL B 23 4.19 -9.49 -12.70
C VAL B 23 4.32 -8.08 -13.26
N ARG B 24 5.56 -7.66 -13.52
CA ARG B 24 5.82 -6.33 -14.04
C ARG B 24 5.08 -6.12 -15.36
N ASN B 25 5.06 -7.13 -16.23
CA ASN B 25 4.25 -7.02 -17.45
C ASN B 25 2.75 -6.92 -17.17
N TYR B 26 2.27 -7.65 -16.16
CA TYR B 26 0.85 -7.60 -15.82
C TYR B 26 0.46 -6.21 -15.35
N ILE B 27 1.26 -5.67 -14.43
CA ILE B 27 1.08 -4.30 -13.97
C ILE B 27 1.03 -3.34 -15.16
N ALA B 28 2.06 -3.42 -16.00
CA ALA B 28 2.20 -2.56 -17.17
C ALA B 28 1.05 -2.71 -18.14
N ALA B 29 0.37 -3.84 -18.11
CA ALA B 29 -0.71 -4.07 -19.06
C ALA B 29 -2.06 -3.77 -18.44
N GLY B 30 -2.06 -3.34 -17.19
CA GLY B 30 -3.31 -3.05 -16.49
C GLY B 30 -4.08 -4.24 -15.94
N LYS B 31 -3.42 -5.40 -15.86
CA LYS B 31 -4.03 -6.59 -15.25
C LYS B 31 -3.83 -6.62 -13.73
N LEU B 32 -2.74 -6.04 -13.25
CA LEU B 32 -2.55 -5.87 -11.82
C LEU B 32 -2.51 -4.38 -11.50
N LYS B 33 -3.02 -3.98 -10.33
CA LYS B 33 -2.86 -2.58 -9.92
C LYS B 33 -1.69 -2.51 -8.96
N ALA B 34 -0.86 -1.48 -9.13
CA ALA B 34 0.31 -1.30 -8.29
C ALA B 34 0.49 0.16 -7.96
N VAL B 35 1.21 0.44 -6.88
CA VAL B 35 1.49 1.80 -6.49
C VAL B 35 2.98 1.95 -6.20
N ARG B 36 3.46 3.18 -6.13
CA ARG B 36 4.78 3.47 -5.60
C ARG B 36 4.61 4.24 -4.31
N LEU B 37 5.57 4.10 -3.40
CA LEU B 37 5.47 4.78 -2.12
C LEU B 37 6.38 6.01 -2.09
N GLY B 38 5.77 7.17 -1.86
CA GLY B 38 6.52 8.39 -1.68
C GLY B 38 6.81 9.10 -3.00
N PRO B 39 7.31 10.33 -2.90
CA PRO B 39 7.65 11.13 -4.08
C PRO B 39 8.89 10.58 -4.78
N ARG B 40 8.94 10.70 -6.10
CA ARG B 40 10.15 10.42 -6.87
C ARG B 40 11.16 11.56 -6.71
N LEU B 41 12.44 11.26 -6.90
CA LEU B 41 13.44 12.32 -6.97
C LEU B 41 13.57 12.67 -8.44
N ILE B 42 12.92 13.76 -8.85
CA ILE B 42 12.80 14.10 -10.27
C ILE B 42 13.88 15.10 -10.69
N ARG B 43 14.39 14.91 -11.90
CA ARG B 43 15.39 15.82 -12.49
C ARG B 43 14.99 16.06 -13.92
N VAL B 44 15.12 17.30 -14.38
CA VAL B 44 14.80 17.66 -15.76
C VAL B 44 16.09 17.74 -16.55
N GLU B 45 16.06 17.35 -17.83
CA GLU B 45 17.27 17.41 -18.65
C GLU B 45 17.48 18.81 -19.25
N ARG B 46 18.61 19.43 -18.89
CA ARG B 46 18.93 20.77 -19.34
C ARG B 46 18.71 20.95 -20.83
N ASP B 47 19.17 20.00 -21.61
CA ASP B 47 19.00 20.06 -23.05
C ASP B 47 17.58 20.37 -23.47
N SER B 48 16.61 19.66 -22.90
CA SER B 48 15.22 19.86 -23.30
C SER B 48 14.69 21.23 -22.86
N VAL B 49 15.19 21.71 -21.74
CA VAL B 49 14.85 23.05 -21.27
C VAL B 49 15.33 24.07 -22.27
N GLU B 50 16.54 23.84 -22.79
CA GLU B 50 17.19 24.75 -23.73
C GLU B 50 16.41 24.80 -25.04
N ALA B 51 15.99 23.64 -25.51
CA ALA B 51 15.25 23.54 -26.77
C ALA B 51 13.77 23.96 -26.64
N LEU B 52 13.28 24.07 -25.41
CA LEU B 52 11.91 24.55 -25.20
C LEU B 52 11.78 26.05 -25.51
N MET B 53 12.85 26.79 -25.25
CA MET B 53 12.85 28.22 -25.46
C MET B 53 13.15 28.58 -26.92
N ARG B 54 12.09 28.76 -27.71
CA ARG B 54 12.19 29.17 -29.11
C ARG B 54 12.32 30.68 -29.27
N PRO B 55 13.46 31.15 -29.81
CA PRO B 55 13.63 32.59 -30.08
C PRO B 55 12.54 33.15 -31.00
N ILE B 56 12.40 34.47 -31.01
CA ILE B 56 11.42 35.14 -31.87
C ILE B 56 12.11 36.08 -32.86
N MET C 3 21.96 25.90 -12.75
CA MET C 3 21.26 24.94 -13.60
C MET C 3 22.18 23.86 -14.17
N PRO C 4 22.29 22.73 -13.46
CA PRO C 4 23.10 21.57 -13.85
C PRO C 4 22.52 20.78 -15.03
N PRO C 5 23.26 19.78 -15.53
CA PRO C 5 22.73 18.99 -16.65
C PRO C 5 21.40 18.33 -16.31
N ARG C 6 21.23 17.92 -15.05
CA ARG C 6 19.98 17.39 -14.52
C ARG C 6 19.53 18.33 -13.39
N ALA C 7 18.40 19.01 -13.57
CA ALA C 7 18.00 20.05 -12.60
C ALA C 7 16.69 19.74 -11.90
N SER C 8 16.54 20.23 -10.67
CA SER C 8 15.29 20.06 -9.94
C SER C 8 14.16 20.74 -10.67
N ILE C 9 12.93 20.33 -10.36
CA ILE C 9 11.74 20.99 -10.88
C ILE C 9 11.77 22.46 -10.48
N GLN C 10 12.10 22.73 -9.22
CA GLN C 10 12.21 24.10 -8.77
C GLN C 10 13.25 24.89 -9.56
N GLN C 11 14.42 24.32 -9.79
CA GLN C 11 15.46 25.05 -10.52
C GLN C 11 15.01 25.34 -11.95
N THR C 12 14.27 24.42 -12.53
CA THR C 12 13.74 24.62 -13.88
C THR C 12 12.70 25.73 -13.90
N ALA C 13 11.83 25.75 -12.88
CA ALA C 13 10.81 26.77 -12.76
C ALA C 13 11.41 28.15 -12.57
N ASP C 14 12.30 28.29 -11.59
CA ASP C 14 13.07 29.52 -11.40
C ASP C 14 13.77 29.94 -12.67
N TYR C 15 14.40 28.99 -13.35
CA TYR C 15 15.13 29.35 -14.55
C TYR C 15 14.22 29.96 -15.61
N LEU C 16 13.07 29.32 -15.85
CA LEU C 16 12.19 29.75 -16.92
C LEU C 16 11.21 30.84 -16.49
N GLY C 17 11.21 31.18 -15.21
CA GLY C 17 10.24 32.12 -14.68
C GLY C 17 8.82 31.63 -14.78
N VAL C 18 8.61 30.35 -14.48
CA VAL C 18 7.27 29.78 -14.42
C VAL C 18 7.09 29.06 -13.09
N SER C 19 5.90 28.54 -12.88
CA SER C 19 5.61 27.87 -11.62
C SER C 19 6.00 26.41 -11.75
N THR C 20 6.20 25.76 -10.61
CA THR C 20 6.56 24.36 -10.60
C THR C 20 5.45 23.56 -11.26
N LYS C 21 4.22 23.96 -10.98
CA LYS C 21 3.06 23.32 -11.59
C LYS C 21 3.14 23.37 -13.12
N THR C 22 3.57 24.51 -13.65
CA THR C 22 3.69 24.66 -15.09
C THR C 22 4.77 23.74 -15.62
N VAL C 23 5.87 23.61 -14.88
CA VAL C 23 6.96 22.70 -15.23
C VAL C 23 6.46 21.25 -15.27
N ARG C 24 5.78 20.84 -14.20
CA ARG C 24 5.14 19.53 -14.16
C ARG C 24 4.20 19.25 -15.36
N ASN C 25 3.42 20.26 -15.75
CA ASN C 25 2.57 20.11 -16.95
C ASN C 25 3.38 19.91 -18.22
N TYR C 26 4.50 20.61 -18.36
CA TYR C 26 5.32 20.50 -19.56
C TYR C 26 5.97 19.12 -19.65
N ILE C 27 6.37 18.58 -18.51
CA ILE C 27 6.88 17.20 -18.47
C ILE C 27 5.80 16.19 -18.88
N ALA C 28 4.57 16.39 -18.38
CA ALA C 28 3.43 15.52 -18.71
C ALA C 28 3.05 15.64 -20.19
N ALA C 29 3.27 16.81 -20.77
CA ALA C 29 2.90 17.05 -22.16
C ALA C 29 4.01 16.59 -23.12
N GLY C 30 5.16 16.23 -22.58
CA GLY C 30 6.31 15.85 -23.38
C GLY C 30 7.14 17.01 -23.92
N LYS C 31 6.89 18.21 -23.41
CA LYS C 31 7.66 19.38 -23.82
C LYS C 31 9.02 19.52 -23.13
N LEU C 32 9.12 18.99 -21.92
CA LEU C 32 10.39 18.86 -21.21
C LEU C 32 10.65 17.38 -20.94
N LYS C 33 11.92 16.96 -20.96
CA LYS C 33 12.27 15.58 -20.66
C LYS C 33 12.74 15.50 -19.21
N ALA C 34 12.22 14.52 -18.47
CA ALA C 34 12.63 14.35 -17.09
C ALA C 34 13.00 12.91 -16.79
N VAL C 35 13.71 12.72 -15.69
CA VAL C 35 14.09 11.41 -15.21
C VAL C 35 13.85 11.33 -13.71
N ARG C 36 13.66 10.11 -13.20
CA ARG C 36 13.64 9.85 -11.78
C ARG C 36 14.94 9.15 -11.42
N LEU C 37 15.44 9.38 -10.22
CA LEU C 37 16.67 8.73 -9.79
C LEU C 37 16.45 7.48 -8.90
N GLY C 38 16.98 6.33 -9.32
CA GLY C 38 16.87 5.13 -8.52
C GLY C 38 15.54 4.41 -8.65
N PRO C 39 15.45 3.19 -8.09
CA PRO C 39 14.24 2.38 -8.19
C PRO C 39 13.11 2.92 -7.32
N ARG C 40 11.88 2.72 -7.77
CA ARG C 40 10.68 3.00 -6.96
C ARG C 40 10.48 1.88 -5.95
N LEU C 41 9.89 2.22 -4.82
CA LEU C 41 9.43 1.19 -3.89
C LEU C 41 8.03 0.80 -4.33
N ILE C 42 7.90 -0.38 -4.94
CA ILE C 42 6.63 -0.78 -5.55
C ILE C 42 5.86 -1.79 -4.72
N ARG C 43 4.54 -1.63 -4.70
CA ARG C 43 3.61 -2.52 -4.04
C ARG C 43 2.42 -2.82 -4.95
N VAL C 44 2.01 -4.07 -4.97
CA VAL C 44 0.88 -4.51 -5.77
C VAL C 44 -0.33 -4.56 -4.83
N GLU C 45 -1.49 -4.16 -5.33
CA GLU C 45 -2.69 -4.16 -4.49
C GLU C 45 -3.25 -5.56 -4.40
N ARG C 46 -3.29 -6.09 -3.18
CA ARG C 46 -3.71 -7.48 -2.96
C ARG C 46 -5.02 -7.82 -3.64
N ASP C 47 -5.98 -6.91 -3.61
CA ASP C 47 -7.31 -7.26 -4.10
C ASP C 47 -7.29 -7.46 -5.61
N SER C 48 -6.34 -6.81 -6.29
CA SER C 48 -6.28 -6.94 -7.75
C SER C 48 -5.62 -8.25 -8.15
N VAL C 49 -4.79 -8.80 -7.26
CA VAL C 49 -4.26 -10.15 -7.50
C VAL C 49 -5.41 -11.14 -7.42
N GLU C 50 -6.17 -11.08 -6.34
CA GLU C 50 -7.39 -11.88 -6.24
C GLU C 50 -8.28 -11.77 -7.48
N ALA C 51 -8.44 -10.56 -8.01
CA ALA C 51 -9.29 -10.36 -9.19
C ALA C 51 -8.69 -10.94 -10.48
N LEU C 52 -7.35 -10.97 -10.57
CA LEU C 52 -6.68 -11.53 -11.75
C LEU C 52 -7.00 -13.03 -11.96
N MET C 53 -7.09 -13.78 -10.86
CA MET C 53 -7.30 -15.22 -10.92
C MET C 53 -8.76 -15.61 -11.20
N ARG C 54 -9.07 -15.83 -12.48
CA ARG C 54 -10.43 -16.20 -12.88
C ARG C 54 -10.61 -17.71 -13.01
N PRO C 55 -11.53 -18.30 -12.21
CA PRO C 55 -11.74 -19.75 -12.14
C PRO C 55 -12.21 -20.38 -13.46
N ILE C 56 -11.85 -21.64 -13.67
CA ILE C 56 -12.25 -22.36 -14.88
C ILE C 56 -13.38 -23.35 -14.61
N ALA D 1 -8.40 -0.03 2.36
CA ALA D 1 -7.79 0.73 3.45
C ALA D 1 -8.61 0.57 4.73
N MET D 2 -8.71 -0.66 5.23
CA MET D 2 -9.46 -0.97 6.46
C MET D 2 -8.64 -0.81 7.75
N MET D 3 -7.67 0.10 7.71
CA MET D 3 -6.91 0.50 8.89
C MET D 3 -7.74 1.43 9.77
N PRO D 4 -7.31 1.61 11.03
CA PRO D 4 -7.92 2.60 11.92
C PRO D 4 -7.41 4.01 11.60
N PRO D 5 -8.20 5.05 11.91
CA PRO D 5 -7.87 6.42 11.49
C PRO D 5 -6.46 6.82 11.95
N ARG D 6 -6.13 6.48 13.18
CA ARG D 6 -4.78 6.64 13.72
C ARG D 6 -4.20 5.25 13.97
N ALA D 7 -3.25 4.85 13.12
CA ALA D 7 -2.73 3.49 13.08
C ALA D 7 -1.39 3.39 13.80
N SER D 8 -1.06 2.21 14.30
CA SER D 8 0.24 2.04 14.95
C SER D 8 1.32 2.00 13.87
N ILE D 9 2.56 2.13 14.29
CA ILE D 9 3.67 1.95 13.34
C ILE D 9 3.66 0.53 12.79
N GLN D 10 3.39 -0.44 13.67
CA GLN D 10 3.27 -1.84 13.24
C GLN D 10 2.14 -2.04 12.21
N GLN D 11 0.96 -1.50 12.48
CA GLN D 11 -0.17 -1.68 11.56
C GLN D 11 0.08 -1.00 10.21
N THR D 12 0.68 0.20 10.24
CA THR D 12 1.06 0.87 8.99
C THR D 12 2.05 0.01 8.22
N ALA D 13 3.12 -0.39 8.89
CA ALA D 13 4.10 -1.28 8.29
C ALA D 13 3.47 -2.55 7.75
N ASP D 14 2.66 -3.23 8.56
CA ASP D 14 1.98 -4.44 8.10
C ASP D 14 1.11 -4.17 6.87
N TYR D 15 0.36 -3.08 6.90
CA TYR D 15 -0.50 -2.73 5.77
C TYR D 15 0.31 -2.44 4.53
N LEU D 16 1.41 -1.72 4.71
CA LEU D 16 2.26 -1.31 3.59
C LEU D 16 3.18 -2.45 3.13
N GLY D 17 3.40 -3.43 4.00
CA GLY D 17 4.28 -4.54 3.68
C GLY D 17 5.72 -4.05 3.62
N VAL D 18 6.10 -3.27 4.62
CA VAL D 18 7.45 -2.75 4.74
C VAL D 18 7.81 -2.89 6.20
N SER D 19 9.08 -2.66 6.54
CA SER D 19 9.52 -2.83 7.90
C SER D 19 9.02 -1.66 8.72
N THR D 20 8.95 -1.84 10.03
CA THR D 20 8.67 -0.70 10.90
C THR D 20 9.69 0.42 10.70
N LYS D 21 10.98 0.05 10.61
CA LYS D 21 12.03 1.03 10.39
C LYS D 21 11.73 1.90 9.19
N THR D 22 11.25 1.27 8.12
CA THR D 22 10.88 2.01 6.93
C THR D 22 9.77 3.03 7.23
N VAL D 23 8.75 2.60 7.96
CA VAL D 23 7.67 3.52 8.34
C VAL D 23 8.21 4.65 9.20
N ARG D 24 9.14 4.33 10.10
CA ARG D 24 9.73 5.37 10.94
C ARG D 24 10.55 6.38 10.13
N ASN D 25 11.25 5.91 9.10
CA ASN D 25 11.99 6.81 8.21
C ASN D 25 11.06 7.78 7.50
N TYR D 26 9.97 7.25 6.97
CA TYR D 26 8.99 8.05 6.26
C TYR D 26 8.47 9.21 7.12
N ILE D 27 8.15 8.90 8.37
CA ILE D 27 7.73 9.92 9.31
C ILE D 27 8.83 10.99 9.44
N ALA D 28 10.05 10.55 9.74
CA ALA D 28 11.19 11.48 9.85
C ALA D 28 11.37 12.35 8.60
N ALA D 29 11.19 11.74 7.42
CA ALA D 29 11.41 12.44 6.16
C ALA D 29 10.20 13.27 5.77
N GLY D 30 9.14 13.18 6.56
CA GLY D 30 7.91 13.93 6.30
C GLY D 30 7.04 13.31 5.22
N LYS D 31 7.35 12.08 4.82
CA LYS D 31 6.57 11.38 3.78
C LYS D 31 5.28 10.75 4.34
N LEU D 32 5.23 10.57 5.65
CA LEU D 32 4.02 10.17 6.35
C LEU D 32 3.79 11.13 7.50
N LYS D 33 2.52 11.36 7.84
CA LYS D 33 2.21 12.25 8.96
C LYS D 33 1.85 11.44 10.18
N ALA D 34 2.30 11.91 11.34
CA ALA D 34 2.12 11.16 12.57
C ALA D 34 2.00 12.07 13.78
N VAL D 35 1.35 11.55 14.82
CA VAL D 35 1.12 12.30 16.06
C VAL D 35 1.60 11.52 17.27
N ARG D 36 1.84 12.21 18.37
CA ARG D 36 2.11 11.54 19.64
C ARG D 36 0.92 11.76 20.56
N LEU D 37 0.60 10.74 21.34
CA LEU D 37 -0.45 10.85 22.34
C LEU D 37 0.22 10.96 23.70
N GLY D 38 1.15 10.05 23.96
CA GLY D 38 1.84 9.99 25.24
C GLY D 38 3.35 9.82 25.10
N PRO D 39 4.03 9.61 26.25
CA PRO D 39 5.50 9.53 26.40
C PRO D 39 6.17 8.54 25.43
N ARG D 40 5.36 7.81 24.66
CA ARG D 40 5.92 6.93 23.64
C ARG D 40 4.81 6.28 22.82
N LEU D 41 3.67 6.94 22.72
CA LEU D 41 2.58 6.38 21.93
C LEU D 41 2.48 7.18 20.65
N ILE D 42 2.83 6.56 19.53
CA ILE D 42 2.84 7.22 18.24
C ILE D 42 1.77 6.63 17.36
N ARG D 43 1.11 7.47 16.56
CA ARG D 43 0.13 6.96 15.62
C ARG D 43 0.29 7.65 14.27
N VAL D 44 0.22 6.86 13.20
CA VAL D 44 0.26 7.38 11.84
C VAL D 44 -1.14 7.78 11.41
N GLU D 45 -1.26 8.92 10.73
CA GLU D 45 -2.54 9.35 10.17
C GLU D 45 -2.85 8.55 8.91
N ARG D 46 -3.96 7.83 8.91
CA ARG D 46 -4.34 6.98 7.78
C ARG D 46 -4.42 7.74 6.47
N ASP D 47 -4.94 8.97 6.52
CA ASP D 47 -4.96 9.84 5.35
C ASP D 47 -3.57 10.03 4.71
N SER D 48 -2.54 10.22 5.53
CA SER D 48 -1.20 10.38 4.96
C SER D 48 -0.69 9.06 4.36
N VAL D 49 -1.17 7.94 4.89
CA VAL D 49 -0.84 6.63 4.34
C VAL D 49 -1.43 6.48 2.94
N GLU D 50 -2.68 6.91 2.78
CA GLU D 50 -3.34 6.86 1.48
C GLU D 50 -2.63 7.75 0.45
N ALA D 51 -2.11 8.89 0.91
CA ALA D 51 -1.47 9.86 0.03
C ALA D 51 -0.02 9.45 -0.26
N LEU D 52 0.55 8.67 0.65
CA LEU D 52 1.86 8.07 0.42
C LEU D 52 1.91 7.20 -0.83
N MET D 53 0.76 6.65 -1.23
CA MET D 53 0.70 5.69 -2.33
C MET D 53 0.21 6.32 -3.62
N ARG D 54 1.04 6.28 -4.64
CA ARG D 54 0.68 6.90 -5.90
C ARG D 54 0.72 5.85 -6.98
N PRO D 55 -0.37 5.72 -7.74
CA PRO D 55 -0.33 4.56 -8.64
C PRO D 55 0.72 4.66 -9.75
N ILE D 56 0.97 3.52 -10.37
CA ILE D 56 1.90 3.35 -11.49
C ILE D 56 1.16 2.79 -12.68
N MET E 3 6.32 -26.08 -4.89
CA MET E 3 4.86 -26.21 -4.80
C MET E 3 4.22 -24.93 -4.27
N PRO E 4 4.05 -23.95 -5.16
CA PRO E 4 3.50 -22.65 -4.74
C PRO E 4 2.01 -22.73 -4.44
N PRO E 5 1.48 -21.70 -3.76
CA PRO E 5 0.03 -21.56 -3.56
C PRO E 5 -0.73 -21.72 -4.88
N ARG E 6 -0.16 -21.20 -5.96
CA ARG E 6 -0.70 -21.39 -7.30
C ARG E 6 0.35 -22.02 -8.21
N ALA E 7 0.22 -23.32 -8.44
CA ALA E 7 1.21 -24.12 -9.18
C ALA E 7 0.81 -24.40 -10.62
N SER E 8 1.81 -24.55 -11.49
CA SER E 8 1.54 -24.91 -12.88
C SER E 8 0.98 -26.32 -12.95
N ILE E 9 0.48 -26.68 -14.13
CA ILE E 9 0.01 -28.04 -14.34
C ILE E 9 1.17 -29.03 -14.25
N GLN E 10 2.35 -28.64 -14.78
CA GLN E 10 3.55 -29.50 -14.71
C GLN E 10 4.03 -29.67 -13.28
N GLN E 11 3.95 -28.62 -12.48
CA GLN E 11 4.38 -28.70 -11.09
C GLN E 11 3.47 -29.60 -10.29
N THR E 12 2.19 -29.62 -10.69
CA THR E 12 1.17 -30.40 -10.01
C THR E 12 1.35 -31.87 -10.39
N ALA E 13 1.58 -32.12 -11.67
CA ALA E 13 1.86 -33.46 -12.16
C ALA E 13 3.05 -34.05 -11.42
N ASP E 14 4.15 -33.30 -11.37
CA ASP E 14 5.37 -33.78 -10.71
C ASP E 14 5.16 -34.01 -9.22
N TYR E 15 4.38 -33.16 -8.56
CA TYR E 15 4.19 -33.35 -7.12
C TYR E 15 3.38 -34.62 -6.87
N LEU E 16 2.36 -34.82 -7.69
CA LEU E 16 1.46 -35.96 -7.54
C LEU E 16 2.03 -37.27 -8.09
N GLY E 17 2.94 -37.18 -9.06
CA GLY E 17 3.48 -38.37 -9.67
C GLY E 17 2.55 -38.87 -10.77
N VAL E 18 1.98 -37.92 -11.50
CA VAL E 18 1.11 -38.24 -12.63
C VAL E 18 1.46 -37.42 -13.85
N SER E 19 0.86 -37.78 -14.98
CA SER E 19 1.09 -37.10 -16.24
C SER E 19 0.36 -35.76 -16.27
N THR E 20 0.79 -34.86 -17.15
CA THR E 20 0.09 -33.61 -17.33
C THR E 20 -1.34 -33.86 -17.82
N LYS E 21 -1.53 -34.89 -18.64
CA LYS E 21 -2.88 -35.20 -19.11
C LYS E 21 -3.83 -35.57 -17.96
N THR E 22 -3.32 -36.30 -16.97
CA THR E 22 -4.16 -36.67 -15.81
C THR E 22 -4.58 -35.44 -15.01
N VAL E 23 -3.67 -34.48 -14.85
CA VAL E 23 -3.97 -33.26 -14.12
C VAL E 23 -5.04 -32.45 -14.85
N ARG E 24 -4.82 -32.22 -16.14
CA ARG E 24 -5.79 -31.54 -17.00
C ARG E 24 -7.17 -32.17 -16.91
N ASN E 25 -7.23 -33.50 -16.82
CA ASN E 25 -8.51 -34.20 -16.71
C ASN E 25 -9.16 -34.05 -15.33
N TYR E 26 -8.35 -34.02 -14.27
CA TYR E 26 -8.86 -33.74 -12.94
C TYR E 26 -9.52 -32.36 -12.92
N ILE E 27 -8.91 -31.42 -13.62
CA ILE E 27 -9.41 -30.07 -13.68
C ILE E 27 -10.76 -30.05 -14.39
N ALA E 28 -10.78 -30.53 -15.63
CA ALA E 28 -12.02 -30.62 -16.40
C ALA E 28 -13.12 -31.34 -15.60
N ALA E 29 -12.73 -32.37 -14.87
CA ALA E 29 -13.69 -33.18 -14.11
C ALA E 29 -14.04 -32.55 -12.78
N GLY E 30 -13.38 -31.43 -12.45
CA GLY E 30 -13.66 -30.71 -11.21
C GLY E 30 -13.06 -31.29 -9.94
N LYS E 31 -12.16 -32.26 -10.07
CA LYS E 31 -11.47 -32.84 -8.91
C LYS E 31 -10.27 -31.98 -8.49
N LEU E 32 -9.86 -31.08 -9.38
CA LEU E 32 -8.88 -30.04 -9.04
C LEU E 32 -9.43 -28.67 -9.42
N LYS E 33 -9.19 -27.68 -8.59
CA LYS E 33 -9.60 -26.32 -8.90
C LYS E 33 -8.47 -25.49 -9.55
N ALA E 34 -8.75 -24.94 -10.73
CA ALA E 34 -7.77 -24.16 -11.48
C ALA E 34 -8.30 -22.78 -11.89
N VAL E 35 -7.38 -21.83 -12.03
CA VAL E 35 -7.70 -20.48 -12.43
C VAL E 35 -6.87 -20.07 -13.64
N ARG E 36 -7.45 -19.24 -14.49
CA ARG E 36 -6.74 -18.66 -15.62
C ARG E 36 -6.22 -17.28 -15.23
N LEU E 37 -4.94 -17.02 -15.48
CA LEU E 37 -4.32 -15.71 -15.26
C LEU E 37 -4.31 -14.93 -16.57
N GLY E 38 -3.59 -15.46 -17.54
CA GLY E 38 -3.59 -14.93 -18.90
C GLY E 38 -4.20 -15.97 -19.83
N PRO E 39 -4.44 -15.60 -21.10
CA PRO E 39 -5.12 -16.54 -21.99
C PRO E 39 -4.29 -17.81 -22.18
N ARG E 40 -2.98 -17.69 -21.97
CA ARG E 40 -2.06 -18.78 -22.20
C ARG E 40 -1.45 -19.33 -20.90
N LEU E 41 -2.08 -19.02 -19.77
CA LEU E 41 -1.47 -19.31 -18.47
C LEU E 41 -2.47 -19.77 -17.42
N ILE E 42 -2.30 -21.01 -16.95
CA ILE E 42 -3.19 -21.59 -15.96
C ILE E 42 -2.43 -21.94 -14.69
N ARG E 43 -3.11 -21.93 -13.54
CA ARG E 43 -2.51 -22.32 -12.28
C ARG E 43 -3.51 -23.11 -11.46
N VAL E 44 -3.00 -24.12 -10.75
CA VAL E 44 -3.80 -25.02 -9.94
C VAL E 44 -3.73 -24.56 -8.50
N GLU E 45 -4.87 -24.55 -7.82
CA GLU E 45 -4.90 -24.17 -6.42
C GLU E 45 -4.31 -25.26 -5.54
N ARG E 46 -3.36 -24.90 -4.69
CA ARG E 46 -2.65 -25.90 -3.91
C ARG E 46 -3.58 -26.54 -2.89
N ASP E 47 -4.56 -25.80 -2.40
CA ASP E 47 -5.51 -26.34 -1.43
C ASP E 47 -6.25 -27.54 -1.99
N SER E 48 -6.75 -27.42 -3.22
CA SER E 48 -7.50 -28.48 -3.85
C SER E 48 -6.62 -29.72 -4.11
N VAL E 49 -5.32 -29.49 -4.31
CA VAL E 49 -4.35 -30.56 -4.52
C VAL E 49 -4.24 -31.39 -3.25
N GLU E 50 -4.19 -30.70 -2.11
CA GLU E 50 -4.18 -31.37 -0.81
C GLU E 50 -5.51 -32.08 -0.57
N ALA E 51 -6.63 -31.47 -0.99
CA ALA E 51 -7.95 -32.11 -0.85
C ALA E 51 -8.04 -33.38 -1.69
N LEU E 52 -7.43 -33.36 -2.88
CA LEU E 52 -7.45 -34.51 -3.78
C LEU E 52 -6.84 -35.77 -3.16
N MET E 53 -5.95 -35.61 -2.20
CA MET E 53 -5.23 -36.73 -1.62
C MET E 53 -5.90 -37.21 -0.35
N ARG E 54 -6.50 -38.40 -0.41
CA ARG E 54 -7.17 -38.97 0.74
C ARG E 54 -6.41 -40.17 1.30
N PRO E 55 -6.40 -40.29 2.64
CA PRO E 55 -5.74 -41.46 3.23
C PRO E 55 -6.37 -42.74 2.69
N ILE E 56 -5.53 -43.74 2.46
CA ILE E 56 -5.93 -44.96 1.77
C ILE E 56 -7.07 -45.71 2.47
#